data_2JOL
#
_entry.id   2JOL
#
_entity_poly.entity_id   1
_entity_poly.type   'polypeptide(L)'
_entity_poly.pdbx_seq_one_letter_code
;GSTGDAKQAIRHFVDEAVKQVAHARTPEIRQDAEFGRQVYEATLCAIFSEAKDRFCMDPATRAGNVRPAFIEALGDAARA
TGLPGADKQGVFTPSGAGTNPLYTEIRLRADTLMGAELAARPEYRELQPYARQQAIDLVANALPAERSNTLVEFRQTVQT
LEATYRRAAQDASRDEKGATNAADGA
;
_entity_poly.pdbx_strand_id   A
#
# COMPACT_ATOMS: atom_id res chain seq x y z
N THR A 3 -16.45 -6.44 15.37
CA THR A 3 -17.60 -6.08 14.50
C THR A 3 -18.04 -4.65 14.79
N GLY A 4 -17.61 -4.12 15.94
CA GLY A 4 -17.98 -2.77 16.31
C GLY A 4 -17.70 -1.79 15.18
N ASP A 5 -16.45 -1.71 14.76
CA ASP A 5 -16.05 -0.80 13.69
C ASP A 5 -14.60 -1.02 13.31
N ALA A 6 -14.33 -1.99 12.46
CA ALA A 6 -12.97 -2.25 12.03
C ALA A 6 -12.29 -0.95 11.61
N LYS A 7 -13.11 0.08 11.38
CA LYS A 7 -12.59 1.38 10.97
C LYS A 7 -11.63 1.91 12.01
N GLN A 8 -12.02 1.84 13.29
CA GLN A 8 -11.18 2.34 14.38
C GLN A 8 -10.43 1.23 15.10
N ALA A 9 -11.04 0.05 15.17
CA ALA A 9 -10.44 -1.08 15.88
C ALA A 9 -9.11 -1.48 15.24
N ILE A 10 -9.17 -2.22 14.13
CA ILE A 10 -7.96 -2.67 13.46
C ILE A 10 -6.98 -1.52 13.33
N ARG A 11 -7.50 -0.31 13.18
CA ARG A 11 -6.63 0.84 13.03
C ARG A 11 -5.74 0.99 14.25
N HIS A 12 -6.34 0.90 15.43
CA HIS A 12 -5.58 1.07 16.66
C HIS A 12 -4.69 -0.14 16.93
N PHE A 13 -5.10 -1.33 16.51
CA PHE A 13 -4.28 -2.52 16.72
C PHE A 13 -2.98 -2.38 15.94
N VAL A 14 -3.07 -1.90 14.70
CA VAL A 14 -1.88 -1.73 13.87
C VAL A 14 -0.95 -0.71 14.52
N ASP A 15 -1.55 0.26 15.21
CA ASP A 15 -0.79 1.31 15.87
C ASP A 15 0.14 0.72 16.93
N GLU A 16 -0.36 -0.27 17.67
CA GLU A 16 0.43 -0.89 18.71
C GLU A 16 1.67 -1.58 18.13
N ALA A 17 1.49 -2.25 17.01
CA ALA A 17 2.61 -2.92 16.37
C ALA A 17 3.68 -1.89 16.02
N VAL A 18 3.23 -0.84 15.34
CA VAL A 18 4.15 0.19 14.87
C VAL A 18 5.00 0.73 16.02
N LYS A 19 4.38 1.06 17.16
CA LYS A 19 5.16 1.58 18.28
C LYS A 19 6.17 0.50 18.74
N GLN A 20 5.65 -0.67 19.06
CA GLN A 20 6.50 -1.74 19.58
C GLN A 20 7.70 -2.00 18.67
N VAL A 21 7.45 -2.17 17.38
CA VAL A 21 8.55 -2.43 16.44
C VAL A 21 9.43 -1.19 16.29
N ALA A 22 8.80 -0.04 16.13
CA ALA A 22 9.55 1.20 15.97
C ALA A 22 10.57 1.33 17.10
N HIS A 23 10.12 1.04 18.31
CA HIS A 23 11.00 1.11 19.47
C HIS A 23 12.02 -0.03 19.44
N ALA A 24 11.59 -1.17 18.92
CA ALA A 24 12.45 -2.34 18.86
C ALA A 24 13.74 -2.08 18.07
N ARG A 25 13.61 -1.57 16.85
CA ARG A 25 14.79 -1.33 16.00
C ARG A 25 15.19 0.15 15.93
N THR A 26 14.48 1.00 16.66
CA THR A 26 14.81 2.42 16.64
C THR A 26 16.28 2.64 17.05
N PRO A 27 16.74 1.98 18.09
CA PRO A 27 18.15 2.12 18.56
C PRO A 27 19.17 1.81 17.46
N GLU A 28 18.86 0.81 16.63
CA GLU A 28 19.78 0.43 15.56
C GLU A 28 19.88 1.51 14.50
N ILE A 29 18.76 2.16 14.21
CA ILE A 29 18.76 3.21 13.20
C ILE A 29 19.67 4.34 13.67
N ARG A 30 19.55 4.69 14.94
CA ARG A 30 20.39 5.73 15.51
C ARG A 30 21.85 5.28 15.57
N GLN A 31 22.05 4.06 16.07
CA GLN A 31 23.40 3.51 16.21
C GLN A 31 24.02 3.23 14.84
N ASP A 32 23.21 2.71 13.93
CA ASP A 32 23.67 2.39 12.58
C ASP A 32 22.86 3.15 11.54
N ALA A 33 23.00 4.47 11.54
CA ALA A 33 22.26 5.30 10.62
C ALA A 33 22.69 5.02 9.19
N GLU A 34 22.44 3.79 8.72
CA GLU A 34 22.82 3.40 7.37
C GLU A 34 21.78 2.42 6.81
N PHE A 35 21.25 1.56 7.68
CA PHE A 35 20.25 0.58 7.26
C PHE A 35 18.88 1.26 7.13
N GLY A 36 18.69 2.38 7.82
CA GLY A 36 17.43 3.10 7.76
C GLY A 36 17.18 3.50 6.31
N ARG A 37 18.25 3.95 5.65
CA ARG A 37 18.18 4.38 4.27
C ARG A 37 17.78 3.22 3.36
N GLN A 38 18.28 2.02 3.66
CA GLN A 38 17.93 0.86 2.85
C GLN A 38 16.44 0.58 3.01
N VAL A 39 15.93 0.77 4.22
CA VAL A 39 14.52 0.56 4.49
C VAL A 39 13.66 1.50 3.64
N TYR A 40 14.09 2.75 3.51
CA TYR A 40 13.35 3.73 2.70
C TYR A 40 13.04 3.16 1.32
N GLU A 41 14.03 2.54 0.69
CA GLU A 41 13.80 1.95 -0.64
C GLU A 41 12.81 0.77 -0.56
N ALA A 42 12.99 -0.10 0.43
CA ALA A 42 12.11 -1.26 0.60
C ALA A 42 10.70 -0.84 0.99
N THR A 43 10.60 0.21 1.79
CA THR A 43 9.32 0.71 2.25
C THR A 43 8.45 1.07 1.07
N LEU A 44 9.03 1.78 0.12
CA LEU A 44 8.30 2.16 -1.09
C LEU A 44 7.95 0.91 -1.89
N CYS A 45 8.88 -0.05 -1.92
CA CYS A 45 8.64 -1.29 -2.66
C CYS A 45 7.43 -2.00 -2.10
N ALA A 46 7.31 -2.00 -0.77
CA ALA A 46 6.17 -2.66 -0.13
C ALA A 46 4.87 -2.01 -0.58
N ILE A 47 4.84 -0.69 -0.61
CA ILE A 47 3.65 0.02 -1.06
C ILE A 47 3.39 -0.30 -2.52
N PHE A 48 4.45 -0.31 -3.31
CA PHE A 48 4.36 -0.60 -4.73
C PHE A 48 3.83 -2.01 -4.98
N SER A 49 4.44 -2.99 -4.32
CA SER A 49 4.04 -4.38 -4.47
C SER A 49 2.65 -4.64 -3.89
N GLU A 50 2.40 -4.07 -2.72
CA GLU A 50 1.11 -4.25 -2.05
C GLU A 50 0.00 -3.58 -2.86
N ALA A 51 0.32 -2.42 -3.41
CA ALA A 51 -0.65 -1.66 -4.21
C ALA A 51 -1.19 -2.53 -5.35
N LYS A 52 -0.28 -3.17 -6.06
CA LYS A 52 -0.67 -4.02 -7.18
C LYS A 52 -1.47 -5.22 -6.69
N ASP A 53 -1.03 -5.80 -5.59
CA ASP A 53 -1.72 -6.96 -5.01
C ASP A 53 -3.13 -6.59 -4.58
N ARG A 54 -3.27 -5.42 -3.97
CA ARG A 54 -4.58 -4.98 -3.51
C ARG A 54 -5.50 -4.76 -4.70
N PHE A 55 -4.99 -4.10 -5.73
CA PHE A 55 -5.77 -3.84 -6.94
C PHE A 55 -6.13 -5.16 -7.62
N CYS A 56 -5.15 -6.05 -7.69
CA CYS A 56 -5.33 -7.35 -8.32
C CYS A 56 -6.35 -8.18 -7.54
N MET A 57 -6.23 -8.16 -6.21
CA MET A 57 -7.12 -8.94 -5.36
C MET A 57 -8.57 -8.44 -5.46
N ASP A 58 -8.76 -7.13 -5.53
CA ASP A 58 -10.11 -6.58 -5.62
C ASP A 58 -10.94 -7.37 -6.64
N PRO A 59 -12.18 -7.71 -6.33
CA PRO A 59 -13.05 -8.50 -7.26
C PRO A 59 -13.51 -7.71 -8.49
N ALA A 60 -13.49 -6.38 -8.40
CA ALA A 60 -13.94 -5.53 -9.51
C ALA A 60 -12.80 -5.16 -10.46
N THR A 61 -11.59 -5.62 -10.16
CA THR A 61 -10.43 -5.32 -11.01
C THR A 61 -9.60 -6.58 -11.20
N ARG A 62 -10.27 -7.71 -11.37
CA ARG A 62 -9.56 -8.98 -11.53
C ARG A 62 -8.78 -9.05 -12.85
N ALA A 63 -9.37 -8.68 -13.99
CA ALA A 63 -8.64 -8.81 -15.27
C ALA A 63 -9.11 -7.88 -16.40
N GLY A 64 -8.13 -7.19 -17.02
CA GLY A 64 -8.38 -6.31 -18.16
C GLY A 64 -9.20 -5.07 -17.81
N ASN A 65 -9.62 -4.98 -16.57
CA ASN A 65 -10.44 -3.87 -16.13
C ASN A 65 -9.67 -2.54 -16.09
N VAL A 66 -8.54 -2.56 -15.40
CA VAL A 66 -7.70 -1.37 -15.27
C VAL A 66 -6.37 -1.76 -14.64
N ARG A 67 -6.04 -3.04 -14.59
CA ARG A 67 -4.80 -3.48 -14.00
C ARG A 67 -3.61 -2.93 -14.81
N PRO A 68 -3.57 -3.15 -16.10
CA PRO A 68 -2.44 -2.64 -16.93
C PRO A 68 -2.22 -1.15 -16.69
N ALA A 69 -3.33 -0.42 -16.61
CA ALA A 69 -3.26 1.02 -16.38
C ALA A 69 -2.75 1.31 -14.97
N PHE A 70 -3.19 0.52 -13.99
CA PHE A 70 -2.76 0.71 -12.61
C PHE A 70 -1.24 0.51 -12.53
N ILE A 71 -0.75 -0.48 -13.27
CA ILE A 71 0.68 -0.77 -13.33
C ILE A 71 1.44 0.43 -13.90
N GLU A 72 0.93 1.00 -14.98
CA GLU A 72 1.61 2.13 -15.62
C GLU A 72 1.59 3.38 -14.73
N ALA A 73 0.43 3.68 -14.16
CA ALA A 73 0.31 4.84 -13.29
C ALA A 73 1.13 4.66 -12.01
N LEU A 74 1.11 3.45 -11.49
CA LEU A 74 1.84 3.12 -10.28
C LEU A 74 3.34 3.28 -10.50
N GLY A 75 3.81 2.82 -11.65
CA GLY A 75 5.23 2.91 -11.99
C GLY A 75 5.65 4.36 -12.17
N ASP A 76 4.77 5.16 -12.75
CA ASP A 76 5.08 6.57 -12.99
C ASP A 76 5.38 7.31 -11.69
N ALA A 77 4.49 7.17 -10.70
CA ALA A 77 4.69 7.83 -9.43
C ALA A 77 5.87 7.22 -8.66
N ALA A 78 6.00 5.91 -8.73
CA ALA A 78 7.09 5.22 -8.06
C ALA A 78 8.42 5.55 -8.71
N ARG A 79 8.36 6.16 -9.89
CA ARG A 79 9.59 6.54 -10.60
C ARG A 79 10.04 7.91 -10.11
N ALA A 80 9.09 8.81 -9.97
CA ALA A 80 9.41 10.15 -9.50
C ALA A 80 10.17 10.05 -8.19
N THR A 81 9.86 9.01 -7.43
CA THR A 81 10.53 8.78 -6.16
C THR A 81 12.01 8.53 -6.41
N GLY A 82 12.31 7.95 -7.57
CA GLY A 82 13.68 7.63 -7.94
C GLY A 82 14.09 6.30 -7.34
N LEU A 83 13.16 5.35 -7.36
CA LEU A 83 13.44 4.02 -6.84
C LEU A 83 14.54 3.34 -7.68
N PRO A 84 15.63 2.89 -7.10
CA PRO A 84 16.72 2.24 -7.88
C PRO A 84 16.34 0.81 -8.30
N GLY A 85 15.29 0.70 -9.11
CA GLY A 85 14.83 -0.60 -9.59
C GLY A 85 15.65 -1.09 -10.78
N ALA A 86 14.96 -1.66 -11.77
CA ALA A 86 15.63 -2.16 -12.97
C ALA A 86 14.78 -1.92 -14.21
N ASP A 87 15.41 -1.45 -15.28
CA ASP A 87 14.72 -1.18 -16.53
C ASP A 87 14.84 -2.40 -17.45
N LYS A 88 13.70 -3.00 -17.79
CA LYS A 88 13.68 -4.18 -18.65
C LYS A 88 12.76 -3.97 -19.85
N GLN A 89 13.29 -4.23 -21.05
CA GLN A 89 12.52 -4.10 -22.28
C GLN A 89 11.71 -2.79 -22.32
N GLY A 90 12.26 -1.75 -21.71
CA GLY A 90 11.62 -0.43 -21.70
C GLY A 90 10.62 -0.25 -20.56
N VAL A 91 10.30 -1.34 -19.87
CA VAL A 91 9.37 -1.29 -18.74
C VAL A 91 10.15 -1.19 -17.44
N PHE A 92 9.91 -0.11 -16.69
CA PHE A 92 10.59 0.10 -15.41
C PHE A 92 9.78 -0.55 -14.30
N THR A 93 10.39 -1.48 -13.59
CA THR A 93 9.70 -2.20 -12.52
C THR A 93 10.72 -2.64 -11.45
N PRO A 94 10.40 -2.54 -10.17
CA PRO A 94 11.35 -2.97 -9.10
C PRO A 94 11.66 -4.47 -9.20
N SER A 95 12.85 -4.85 -8.77
CA SER A 95 13.28 -6.24 -8.83
C SER A 95 12.36 -7.14 -8.00
N GLY A 96 11.72 -6.57 -6.98
CA GLY A 96 10.82 -7.35 -6.13
C GLY A 96 10.89 -6.87 -4.69
N ALA A 97 11.21 -7.80 -3.79
CA ALA A 97 11.33 -7.48 -2.37
C ALA A 97 10.30 -6.44 -1.93
N GLY A 98 9.03 -6.83 -1.94
CA GLY A 98 7.96 -5.93 -1.51
C GLY A 98 7.93 -5.93 0.02
N THR A 99 8.02 -7.12 0.57
CA THR A 99 8.04 -7.31 2.01
C THR A 99 9.51 -7.46 2.43
N ASN A 100 9.81 -7.37 3.74
CA ASN A 100 11.19 -7.57 4.26
C ASN A 100 11.50 -6.63 5.43
N PRO A 101 11.11 -5.37 5.37
CA PRO A 101 11.42 -4.39 6.45
C PRO A 101 10.44 -4.41 7.61
N LEU A 102 10.50 -3.35 8.42
CA LEU A 102 9.64 -3.24 9.61
C LEU A 102 8.16 -3.22 9.22
N TYR A 103 7.84 -2.49 8.15
CA TYR A 103 6.45 -2.40 7.71
C TYR A 103 5.85 -3.80 7.61
N THR A 104 6.62 -4.72 7.07
CA THR A 104 6.17 -6.10 6.93
C THR A 104 5.97 -6.73 8.31
N GLU A 105 6.92 -6.46 9.20
CA GLU A 105 6.88 -7.04 10.53
C GLU A 105 5.70 -6.52 11.35
N ILE A 106 5.39 -5.23 11.25
CA ILE A 106 4.28 -4.67 12.02
C ILE A 106 2.93 -5.17 11.49
N ARG A 107 2.82 -5.28 10.17
CA ARG A 107 1.58 -5.73 9.55
C ARG A 107 1.21 -7.14 10.03
N LEU A 108 2.20 -8.03 10.07
CA LEU A 108 1.95 -9.41 10.49
C LEU A 108 1.46 -9.47 11.94
N ARG A 109 2.08 -8.68 12.81
CA ARG A 109 1.70 -8.68 14.23
C ARG A 109 0.23 -8.25 14.38
N ALA A 110 -0.13 -7.16 13.71
CA ALA A 110 -1.50 -6.67 13.78
C ALA A 110 -2.46 -7.64 13.11
N ASP A 111 -1.95 -8.39 12.13
CA ASP A 111 -2.76 -9.35 11.41
C ASP A 111 -3.21 -10.48 12.34
N THR A 112 -2.31 -10.93 13.18
CA THR A 112 -2.63 -12.00 14.10
C THR A 112 -3.75 -11.63 15.07
N LEU A 113 -3.65 -10.45 15.69
CA LEU A 113 -4.68 -10.02 16.64
C LEU A 113 -6.02 -9.75 15.95
N MET A 114 -5.98 -9.07 14.81
CA MET A 114 -7.22 -8.71 14.11
C MET A 114 -7.61 -9.72 13.04
N GLY A 115 -6.95 -10.88 13.00
CA GLY A 115 -7.29 -11.89 12.00
C GLY A 115 -8.77 -12.29 12.05
N ALA A 116 -9.56 -11.60 12.87
CA ALA A 116 -10.98 -11.90 13.00
C ALA A 116 -11.81 -11.25 11.89
N GLU A 117 -13.11 -11.14 12.17
CA GLU A 117 -14.06 -10.57 11.22
C GLU A 117 -13.66 -9.16 10.83
N LEU A 118 -12.88 -8.50 11.66
CA LEU A 118 -12.46 -7.14 11.35
C LEU A 118 -11.72 -7.15 10.01
N ALA A 119 -10.71 -7.99 9.94
CA ALA A 119 -9.89 -8.11 8.74
C ALA A 119 -10.79 -8.46 7.55
N ALA A 120 -11.90 -9.13 7.83
CA ALA A 120 -12.82 -9.56 6.78
C ALA A 120 -13.71 -8.42 6.28
N ARG A 121 -13.76 -7.31 7.04
CA ARG A 121 -14.60 -6.18 6.64
C ARG A 121 -13.93 -5.32 5.57
N PRO A 122 -14.70 -4.69 4.70
CA PRO A 122 -14.13 -3.82 3.61
C PRO A 122 -13.46 -2.57 4.17
N GLU A 123 -13.81 -2.22 5.41
CA GLU A 123 -13.23 -1.06 6.06
C GLU A 123 -11.71 -1.20 6.10
N TYR A 124 -11.27 -2.45 6.09
CA TYR A 124 -9.86 -2.79 6.15
C TYR A 124 -9.07 -2.26 4.96
N ARG A 125 -9.62 -2.41 3.76
CA ARG A 125 -8.91 -2.02 2.54
C ARG A 125 -8.53 -0.54 2.49
N GLU A 126 -9.46 0.36 2.79
CA GLU A 126 -9.15 1.79 2.74
C GLU A 126 -8.14 2.18 3.82
N LEU A 127 -8.25 1.52 4.97
CA LEU A 127 -7.38 1.79 6.11
C LEU A 127 -5.89 1.54 5.78
N GLN A 128 -5.47 1.87 4.57
CA GLN A 128 -4.09 1.66 4.13
C GLN A 128 -3.11 2.72 4.69
N PRO A 129 -3.44 3.99 4.61
CA PRO A 129 -2.51 5.09 5.05
C PRO A 129 -2.41 5.32 6.55
N TYR A 130 -3.06 4.54 7.38
CA TYR A 130 -2.93 4.76 8.82
C TYR A 130 -1.60 4.24 9.33
N ALA A 131 -1.34 2.94 9.20
CA ALA A 131 -0.10 2.36 9.67
C ALA A 131 1.10 2.85 8.86
N ARG A 132 0.90 3.05 7.57
CA ARG A 132 1.98 3.51 6.71
C ARG A 132 2.44 4.90 7.13
N GLN A 133 1.51 5.80 7.39
CA GLN A 133 1.86 7.16 7.78
C GLN A 133 2.82 7.15 8.97
N GLN A 134 2.57 6.28 9.94
CA GLN A 134 3.44 6.22 11.12
C GLN A 134 4.72 5.43 10.81
N ALA A 135 4.57 4.32 10.10
CA ALA A 135 5.72 3.47 9.76
C ALA A 135 6.72 4.21 8.87
N ILE A 136 6.22 4.91 7.85
CA ILE A 136 7.08 5.65 6.93
C ILE A 136 7.73 6.84 7.64
N ASP A 137 7.05 7.37 8.66
CA ASP A 137 7.57 8.50 9.40
C ASP A 137 8.87 8.14 10.12
N LEU A 138 8.91 6.95 10.71
CA LEU A 138 10.09 6.49 11.43
C LEU A 138 11.29 6.37 10.49
N VAL A 139 11.04 5.77 9.34
CA VAL A 139 12.09 5.61 8.34
C VAL A 139 12.54 6.98 7.86
N ALA A 140 11.55 7.84 7.63
CA ALA A 140 11.83 9.20 7.18
C ALA A 140 12.55 9.98 8.28
N ASN A 141 12.52 9.44 9.49
CA ASN A 141 13.21 10.09 10.60
C ASN A 141 14.71 10.04 10.37
N ALA A 142 15.22 8.88 9.95
CA ALA A 142 16.65 8.75 9.70
C ALA A 142 17.06 9.54 8.46
N LEU A 143 16.06 10.10 7.78
CA LEU A 143 16.31 10.88 6.57
C LEU A 143 15.84 12.33 6.75
N PRO A 144 16.30 13.27 5.94
CA PRO A 144 15.84 14.70 6.06
C PRO A 144 14.35 14.83 5.72
N ALA A 145 13.90 16.06 5.53
CA ALA A 145 12.50 16.30 5.18
C ALA A 145 12.24 15.95 3.71
N GLU A 146 13.31 15.81 2.95
CA GLU A 146 13.18 15.49 1.52
C GLU A 146 12.56 14.11 1.33
N ARG A 147 13.38 13.08 1.45
CA ARG A 147 12.92 11.71 1.27
C ARG A 147 11.57 11.50 1.95
N SER A 148 11.35 12.21 3.06
CA SER A 148 10.10 12.08 3.80
C SER A 148 8.93 12.47 2.92
N ASN A 149 9.10 13.56 2.17
CA ASN A 149 8.06 14.03 1.28
C ASN A 149 7.79 13.00 0.19
N THR A 150 8.86 12.32 -0.25
CA THR A 150 8.73 11.32 -1.29
C THR A 150 7.77 10.22 -0.87
N LEU A 151 7.95 9.72 0.35
CA LEU A 151 7.07 8.67 0.86
C LEU A 151 5.63 9.17 0.95
N VAL A 152 5.47 10.40 1.40
CA VAL A 152 4.14 10.99 1.53
C VAL A 152 3.49 11.15 0.17
N GLU A 153 4.26 11.62 -0.80
CA GLU A 153 3.75 11.82 -2.15
C GLU A 153 3.30 10.51 -2.78
N PHE A 154 4.19 9.54 -2.81
CA PHE A 154 3.88 8.23 -3.39
C PHE A 154 2.74 7.56 -2.63
N ARG A 155 2.76 7.68 -1.30
CA ARG A 155 1.73 7.06 -0.47
C ARG A 155 0.33 7.59 -0.81
N GLN A 156 0.18 8.91 -0.91
CA GLN A 156 -1.13 9.47 -1.24
C GLN A 156 -1.46 9.18 -2.71
N THR A 157 -0.46 9.30 -3.56
CA THR A 157 -0.67 9.06 -4.99
C THR A 157 -1.26 7.67 -5.20
N VAL A 158 -0.72 6.67 -4.52
CA VAL A 158 -1.24 5.32 -4.65
C VAL A 158 -2.68 5.27 -4.18
N GLN A 159 -2.92 5.85 -3.02
CA GLN A 159 -4.26 5.86 -2.45
C GLN A 159 -5.24 6.50 -3.43
N THR A 160 -4.82 7.60 -4.05
CA THR A 160 -5.66 8.30 -5.00
C THR A 160 -5.83 7.44 -6.26
N LEU A 161 -4.74 6.86 -6.72
CA LEU A 161 -4.78 6.03 -7.91
C LEU A 161 -5.69 4.84 -7.69
N GLU A 162 -5.53 4.19 -6.54
CA GLU A 162 -6.33 3.03 -6.21
C GLU A 162 -7.81 3.38 -6.09
N ALA A 163 -8.13 4.38 -5.31
CA ALA A 163 -9.54 4.75 -5.16
C ALA A 163 -10.13 5.17 -6.49
N THR A 164 -9.38 5.94 -7.25
CA THR A 164 -9.86 6.39 -8.56
C THR A 164 -10.02 5.22 -9.53
N TYR A 165 -8.99 4.37 -9.61
CA TYR A 165 -9.03 3.23 -10.51
C TYR A 165 -10.06 2.19 -10.06
N ARG A 166 -10.12 1.96 -8.75
CA ARG A 166 -11.09 1.03 -8.18
C ARG A 166 -12.51 1.52 -8.43
N ARG A 167 -12.70 2.82 -8.19
CA ARG A 167 -14.01 3.42 -8.39
C ARG A 167 -14.37 3.35 -9.86
N ALA A 168 -13.40 3.65 -10.71
CA ALA A 168 -13.62 3.63 -12.16
C ALA A 168 -14.09 2.24 -12.58
N ALA A 169 -13.50 1.22 -11.99
CA ALA A 169 -13.87 -0.16 -12.30
C ALA A 169 -15.29 -0.45 -11.81
N GLN A 170 -15.63 0.06 -10.63
CA GLN A 170 -16.96 -0.15 -10.07
C GLN A 170 -18.00 0.59 -10.91
N ASP A 171 -17.64 1.78 -11.38
CA ASP A 171 -18.55 2.57 -12.19
C ASP A 171 -18.96 1.77 -13.41
N ALA A 172 -17.97 1.15 -14.04
CA ALA A 172 -18.22 0.32 -15.23
C ALA A 172 -18.98 -0.96 -14.86
N SER A 173 -18.74 -1.45 -13.65
CA SER A 173 -19.44 -2.64 -13.18
C SER A 173 -20.92 -2.34 -12.95
N ARG A 174 -21.18 -1.25 -12.23
CA ARG A 174 -22.57 -0.84 -11.96
C ARG A 174 -23.22 -0.46 -13.28
N ASP A 175 -22.43 0.13 -14.15
CA ASP A 175 -22.92 0.53 -15.46
C ASP A 175 -23.26 -0.69 -16.27
N GLU A 176 -22.45 -1.75 -16.15
CA GLU A 176 -22.67 -2.97 -16.92
C GLU A 176 -23.42 -4.01 -16.08
N LYS A 177 -23.76 -3.65 -14.82
CA LYS A 177 -24.42 -4.59 -13.89
C LYS A 177 -25.24 -5.68 -14.62
N GLY A 178 -25.78 -6.59 -13.83
CA GLY A 178 -26.62 -7.64 -14.39
C GLY A 178 -27.80 -7.09 -15.15
N ALA A 179 -28.13 -5.80 -14.96
CA ALA A 179 -29.28 -5.24 -15.65
C ALA A 179 -29.02 -5.06 -17.14
N THR A 180 -28.40 -3.93 -17.49
CA THR A 180 -28.12 -3.58 -18.89
C THR A 180 -27.95 -4.82 -19.79
N ASN A 181 -26.97 -5.65 -19.48
CA ASN A 181 -26.72 -6.84 -20.29
C ASN A 181 -27.98 -7.71 -20.43
N ALA A 182 -28.48 -8.22 -19.30
CA ALA A 182 -29.66 -9.08 -19.32
C ALA A 182 -30.95 -8.27 -19.32
N ALA A 183 -30.85 -6.97 -19.60
CA ALA A 183 -32.02 -6.11 -19.62
C ALA A 183 -32.51 -5.88 -21.05
N ASP A 184 -32.06 -6.72 -21.98
CA ASP A 184 -32.49 -6.57 -23.36
C ASP A 184 -33.99 -6.79 -23.46
N GLY A 185 -34.51 -7.71 -22.66
CA GLY A 185 -35.94 -8.01 -22.66
C GLY A 185 -36.72 -6.97 -21.84
N ALA A 186 -35.99 -5.99 -21.32
CA ALA A 186 -36.59 -4.94 -20.48
C ALA A 186 -38.01 -4.62 -20.95
#